data_1G0I
#
_entry.id   1G0I
#
_cell.length_a   68.02
_cell.length_b   78.45
_cell.length_c   130.05
_cell.angle_alpha   90.00
_cell.angle_beta   90.00
_cell.angle_gamma   90.00
#
_symmetry.space_group_name_H-M   'P 21 21 21'
#
loop_
_entity.id
_entity.type
_entity.pdbx_description
1 polymer 'INOSITOL MONOPHOSPHATASE'
2 non-polymer 'MANGANESE (II) ION'
3 non-polymer 'PHOSPHATE ION'
4 non-polymer 1,2,3,4,5,6-HEXAHYDROXY-CYCLOHEXANE
5 water water
#
_entity_poly.entity_id   1
_entity_poly.type   'polypeptide(L)'
_entity_poly.pdbx_seq_one_letter_code
;MKWDEIGKNIAKEIEKEILPYFGRKDKSYVVGTSPSGDETEIFDKISEDIALKYLKSLNVNIVSEELGVIDNSSEWTVVI
DPIDGSFNFINGIPFFAFCFGVFKNNEPYYGLTYEFLTKSFYEAYKGKGAYLNGRKIKVKDFNPNNIVISYYPSKKIDLE
KLRNKVKRVRIFGAFGLEMCYVAKGTLDAVFDVRPKVRAVDIASSYIICKEAGALITDENGDELKFDLNATDRLNIIVAN
SKEMLDIILDLL
;
_entity_poly.pdbx_strand_id   A,B
#
# COMPACT_ATOMS: atom_id res chain seq x y z
N MET A 1 -15.12 5.35 -31.76
CA MET A 1 -15.22 4.40 -30.65
C MET A 1 -15.39 5.15 -29.34
N LYS A 2 -16.14 4.59 -28.39
CA LYS A 2 -16.32 5.30 -27.13
C LYS A 2 -14.99 5.37 -26.38
N TRP A 3 -14.66 6.57 -25.92
CA TRP A 3 -13.45 6.86 -25.16
C TRP A 3 -13.17 5.77 -24.12
N ASP A 4 -14.19 5.51 -23.31
CA ASP A 4 -14.08 4.51 -22.25
C ASP A 4 -13.58 3.21 -22.84
N GLU A 5 -14.10 2.85 -24.02
CA GLU A 5 -13.54 1.63 -24.63
C GLU A 5 -12.07 1.84 -24.99
N ILE A 6 -11.74 3.01 -25.55
CA ILE A 6 -10.35 3.28 -25.89
C ILE A 6 -9.49 3.31 -24.64
N GLY A 7 -10.00 3.87 -23.54
CA GLY A 7 -9.22 3.89 -22.32
C GLY A 7 -8.96 2.49 -21.81
N LYS A 8 -10.00 1.66 -21.79
CA LYS A 8 -9.83 0.29 -21.31
C LYS A 8 -8.86 -0.48 -22.18
N ASN A 9 -9.02 -0.36 -23.49
CA ASN A 9 -8.14 -1.04 -24.44
C ASN A 9 -6.66 -0.79 -24.14
N ILE A 10 -6.32 0.49 -24.01
CA ILE A 10 -4.92 0.81 -23.79
C ILE A 10 -4.43 0.15 -22.52
N ALA A 11 -5.26 0.27 -21.49
CA ALA A 11 -4.96 -0.31 -20.18
C ALA A 11 -4.54 -1.77 -20.32
N LYS A 12 -5.43 -2.58 -20.87
CA LYS A 12 -5.17 -4.01 -21.01
C LYS A 12 -3.84 -4.26 -21.71
N GLU A 13 -3.61 -3.59 -22.84
CA GLU A 13 -2.33 -3.72 -23.54
C GLU A 13 -1.16 -3.45 -22.60
N ILE A 14 -1.22 -2.34 -21.86
CA ILE A 14 -0.18 -1.98 -20.91
C ILE A 14 0.06 -3.09 -19.90
N GLU A 15 -1.02 -3.60 -19.31
CA GLU A 15 -0.91 -4.66 -18.32
C GLU A 15 -0.39 -5.94 -18.96
N LYS A 16 -0.78 -6.19 -20.20
CA LYS A 16 -0.33 -7.37 -20.95
C LYS A 16 1.19 -7.42 -21.02
N GLU A 17 1.80 -6.25 -21.18
CA GLU A 17 3.23 -6.20 -21.47
C GLU A 17 4.06 -5.51 -20.41
N ILE A 18 3.61 -5.36 -19.15
CA ILE A 18 4.58 -4.81 -18.19
C ILE A 18 4.30 -5.39 -16.80
N LEU A 19 3.14 -6.04 -16.65
CA LEU A 19 2.94 -6.68 -15.35
C LEU A 19 4.01 -7.74 -15.07
N PRO A 20 4.43 -8.56 -16.00
CA PRO A 20 5.65 -9.38 -15.83
C PRO A 20 6.80 -8.62 -15.16
N TYR A 21 7.09 -7.42 -15.64
CA TYR A 21 8.11 -6.54 -15.11
C TYR A 21 7.98 -6.25 -13.62
N PHE A 22 6.80 -6.38 -13.04
CA PHE A 22 6.51 -5.95 -11.69
C PHE A 22 7.53 -6.45 -10.66
N GLY A 23 8.07 -5.53 -9.87
CA GLY A 23 8.99 -5.81 -8.79
C GLY A 23 10.43 -6.01 -9.21
N ARG A 24 10.65 -6.57 -10.39
CA ARG A 24 11.93 -6.88 -10.96
C ARG A 24 12.84 -5.67 -11.10
N LYS A 25 13.24 -5.03 -10.01
CA LYS A 25 14.06 -3.83 -10.03
C LYS A 25 15.37 -3.97 -10.80
N ASP A 26 15.80 -5.19 -11.09
CA ASP A 26 17.00 -5.43 -11.88
C ASP A 26 16.81 -5.04 -13.34
N LYS A 27 15.86 -5.69 -13.99
CA LYS A 27 15.62 -5.55 -15.42
C LYS A 27 15.32 -4.11 -15.84
N SER A 28 15.00 -3.22 -14.89
CA SER A 28 14.73 -1.86 -15.35
C SER A 28 15.88 -0.92 -15.04
N TYR A 29 15.83 0.23 -15.69
CA TYR A 29 16.85 1.26 -15.57
C TYR A 29 16.42 2.57 -16.22
N VAL A 30 16.91 3.68 -15.69
CA VAL A 30 16.60 5.01 -16.20
C VAL A 30 16.93 5.10 -17.69
N VAL A 31 16.14 5.88 -18.40
CA VAL A 31 16.20 5.98 -19.85
C VAL A 31 16.22 7.42 -20.34
N GLY A 32 15.68 8.33 -19.53
CA GLY A 32 15.69 9.74 -19.91
C GLY A 32 15.26 10.61 -18.74
N THR A 33 15.33 11.92 -18.91
CA THR A 33 14.78 12.82 -17.90
C THR A 33 13.50 13.47 -18.42
N SER A 34 12.41 13.34 -17.67
CA SER A 34 11.13 13.93 -18.05
C SER A 34 11.16 15.46 -17.94
N PRO A 35 10.32 16.13 -18.71
CA PRO A 35 10.31 17.60 -18.76
C PRO A 35 10.05 18.20 -17.37
N SER A 36 9.22 17.48 -16.62
CA SER A 36 8.90 17.83 -15.25
C SER A 36 10.16 17.78 -14.38
N GLY A 37 11.14 17.03 -14.85
CA GLY A 37 12.43 16.78 -14.22
C GLY A 37 12.70 15.28 -14.16
N ASP A 38 11.87 14.59 -13.43
CA ASP A 38 11.83 13.17 -13.12
C ASP A 38 12.59 12.32 -14.12
N GLU A 39 13.01 11.14 -13.67
CA GLU A 39 13.78 10.21 -14.48
C GLU A 39 12.86 9.20 -15.13
N THR A 40 12.95 9.08 -16.46
CA THR A 40 12.08 8.13 -17.14
C THR A 40 12.74 6.74 -17.15
N GLU A 41 12.01 5.74 -16.70
CA GLU A 41 12.52 4.38 -16.69
C GLU A 41 11.70 3.48 -17.64
N ILE A 42 12.44 2.67 -18.36
CA ILE A 42 12.03 1.75 -19.39
C ILE A 42 10.60 1.27 -19.24
N PHE A 43 10.17 0.89 -18.04
CA PHE A 43 8.80 0.36 -17.97
C PHE A 43 7.82 1.49 -18.28
N ASP A 44 8.16 2.66 -17.77
CA ASP A 44 7.40 3.88 -18.01
C ASP A 44 7.30 4.14 -19.51
N LYS A 45 8.44 4.38 -20.13
CA LYS A 45 8.46 4.63 -21.57
C LYS A 45 7.83 3.50 -22.37
N ILE A 46 7.80 2.29 -21.82
CA ILE A 46 7.22 1.17 -22.57
C ILE A 46 5.70 1.28 -22.63
N SER A 47 5.15 1.68 -21.50
CA SER A 47 3.77 1.95 -21.19
C SER A 47 3.20 3.14 -21.96
N GLU A 48 3.86 4.28 -21.86
CA GLU A 48 3.53 5.49 -22.62
C GLU A 48 3.56 5.20 -24.12
N ASP A 49 4.63 4.53 -24.53
CA ASP A 49 4.88 4.20 -25.92
C ASP A 49 3.74 3.36 -26.49
N ILE A 50 3.02 2.67 -25.62
CA ILE A 50 1.88 1.87 -26.08
C ILE A 50 0.64 2.75 -26.09
N ALA A 51 0.58 3.68 -25.14
CA ALA A 51 -0.53 4.63 -25.17
C ALA A 51 -0.55 5.35 -26.51
N LEU A 52 0.47 6.15 -26.78
CA LEU A 52 0.55 7.00 -27.96
C LEU A 52 0.23 6.24 -29.24
N LYS A 53 0.53 4.95 -29.28
CA LYS A 53 0.19 4.12 -30.43
C LYS A 53 -1.29 4.27 -30.78
N TYR A 54 -2.13 4.30 -29.74
CA TYR A 54 -3.57 4.33 -29.94
C TYR A 54 -4.11 5.75 -30.04
N LEU A 55 -3.43 6.66 -29.35
CA LEU A 55 -3.88 8.04 -29.21
C LEU A 55 -3.10 9.00 -30.09
N LYS A 56 -2.67 8.54 -31.27
CA LYS A 56 -1.96 9.48 -32.15
C LYS A 56 -2.66 9.48 -33.51
N SER A 57 -3.41 8.41 -33.73
CA SER A 57 -4.26 8.26 -34.90
C SER A 57 -5.56 9.02 -34.71
N LEU A 58 -5.93 9.20 -33.44
CA LEU A 58 -7.15 9.92 -33.09
C LEU A 58 -7.02 11.41 -33.43
N ASN A 59 -5.79 11.82 -33.67
CA ASN A 59 -5.40 13.19 -33.93
C ASN A 59 -5.91 14.12 -32.83
N VAL A 60 -6.00 13.58 -31.62
CA VAL A 60 -6.37 14.34 -30.44
C VAL A 60 -5.11 14.95 -29.80
N ASN A 61 -5.32 16.01 -29.01
CA ASN A 61 -4.21 16.56 -28.25
C ASN A 61 -3.72 15.51 -27.26
N ILE A 62 -2.42 15.45 -26.99
CA ILE A 62 -2.02 14.45 -25.97
C ILE A 62 -0.96 15.03 -25.05
N VAL A 63 -1.08 14.73 -23.76
CA VAL A 63 -0.28 15.24 -22.67
C VAL A 63 0.11 14.18 -21.65
N SER A 64 1.37 13.73 -21.63
CA SER A 64 1.71 12.69 -20.66
C SER A 64 3.11 12.91 -20.06
N GLU A 65 3.27 12.37 -18.86
CA GLU A 65 4.37 12.45 -17.94
C GLU A 65 5.73 12.44 -18.61
N GLU A 66 6.03 11.39 -19.37
CA GLU A 66 7.34 11.28 -19.99
C GLU A 66 7.51 12.25 -21.15
N LEU A 67 6.86 11.92 -22.27
CA LEU A 67 6.99 12.68 -23.50
C LEU A 67 6.72 14.17 -23.29
N GLY A 68 5.73 14.53 -22.47
CA GLY A 68 5.39 15.91 -22.24
C GLY A 68 4.04 16.33 -22.79
N VAL A 69 3.97 16.79 -24.03
CA VAL A 69 2.76 17.36 -24.60
C VAL A 69 2.78 17.47 -26.12
N ILE A 70 1.84 16.82 -26.80
CA ILE A 70 1.78 16.90 -28.26
C ILE A 70 0.57 17.72 -28.70
N ASP A 71 0.81 18.84 -29.37
CA ASP A 71 -0.29 19.74 -29.73
C ASP A 71 -0.81 19.51 -31.14
N ASN A 72 -2.06 19.06 -31.22
CA ASN A 72 -2.71 18.84 -32.51
C ASN A 72 -3.83 19.85 -32.73
N SER A 73 -3.88 20.87 -31.88
CA SER A 73 -4.84 21.94 -31.95
C SER A 73 -6.28 21.44 -32.03
N SER A 74 -6.61 20.46 -31.18
CA SER A 74 -7.95 19.88 -31.14
C SER A 74 -8.78 20.45 -30.00
N GLU A 75 -10.09 20.15 -30.00
CA GLU A 75 -10.94 20.54 -28.88
C GLU A 75 -10.77 19.52 -27.76
N TRP A 76 -10.17 18.40 -28.13
CA TRP A 76 -9.98 17.25 -27.25
C TRP A 76 -8.53 17.08 -26.81
N THR A 77 -8.34 16.75 -25.54
CA THR A 77 -7.02 16.57 -24.96
C THR A 77 -6.91 15.35 -24.05
N VAL A 78 -6.11 14.37 -24.46
CA VAL A 78 -5.90 13.21 -23.57
C VAL A 78 -4.77 13.49 -22.60
N VAL A 79 -4.99 13.25 -21.30
CA VAL A 79 -3.87 13.38 -20.36
C VAL A 79 -3.57 12.01 -19.76
N ILE A 80 -2.31 11.60 -19.91
CA ILE A 80 -1.84 10.29 -19.57
C ILE A 80 -0.66 10.30 -18.59
N ASP A 81 -0.68 9.35 -17.68
CA ASP A 81 0.31 8.89 -16.74
C ASP A 81 0.44 7.36 -16.88
N PRO A 82 1.39 6.91 -17.68
CA PRO A 82 1.48 5.50 -18.09
C PRO A 82 1.57 4.57 -16.89
N ILE A 83 2.38 4.91 -15.89
CA ILE A 83 2.28 4.19 -14.62
C ILE A 83 2.24 5.23 -13.49
N ASP A 84 1.12 5.21 -12.77
CA ASP A 84 1.03 6.06 -11.57
C ASP A 84 1.73 5.31 -10.44
N GLY A 85 2.81 5.88 -9.91
CA GLY A 85 3.49 5.21 -8.80
C GLY A 85 4.48 4.17 -9.32
N SER A 86 5.29 4.64 -10.26
CA SER A 86 6.37 3.88 -10.85
C SER A 86 7.13 3.09 -9.78
N PHE A 87 7.77 3.84 -8.90
CA PHE A 87 8.58 3.41 -7.78
C PHE A 87 8.06 2.09 -7.20
N ASN A 88 6.89 2.20 -6.59
CA ASN A 88 6.25 1.03 -5.99
C ASN A 88 6.20 -0.11 -7.01
N PHE A 89 5.85 0.27 -8.22
CA PHE A 89 5.64 -0.74 -9.25
C PHE A 89 6.91 -1.54 -9.51
N ILE A 90 7.98 -0.77 -9.69
CA ILE A 90 9.26 -1.42 -9.93
C ILE A 90 9.85 -1.91 -8.61
N ASN A 91 9.13 -1.65 -7.50
CA ASN A 91 9.64 -2.13 -6.23
C ASN A 91 8.61 -2.96 -5.47
N GLY A 92 7.89 -3.82 -6.17
CA GLY A 92 7.00 -4.78 -5.54
C GLY A 92 5.95 -4.28 -4.60
N ILE A 93 5.84 -2.99 -4.35
CA ILE A 93 4.69 -2.45 -3.61
C ILE A 93 3.46 -2.48 -4.52
N PRO A 94 2.46 -3.32 -4.26
CA PRO A 94 1.36 -3.45 -5.21
C PRO A 94 0.38 -2.28 -5.20
N PHE A 95 0.87 -1.07 -5.43
CA PHE A 95 0.12 0.18 -5.47
C PHE A 95 0.49 1.08 -6.63
N PHE A 96 -0.18 0.93 -7.76
CA PHE A 96 0.14 1.70 -8.96
C PHE A 96 -0.98 1.61 -9.98
N ALA A 97 -1.21 2.66 -10.79
CA ALA A 97 -2.31 2.59 -11.75
C ALA A 97 -2.02 3.32 -13.05
N PHE A 98 -2.89 3.05 -14.02
CA PHE A 98 -2.94 3.77 -15.28
C PHE A 98 -3.97 4.89 -15.24
N CYS A 99 -3.56 6.11 -15.59
CA CYS A 99 -4.44 7.27 -15.52
C CYS A 99 -4.76 7.83 -16.90
N PHE A 100 -6.02 7.73 -17.30
CA PHE A 100 -6.48 8.20 -18.60
C PHE A 100 -7.51 9.31 -18.44
N GLY A 101 -7.06 10.56 -18.55
CA GLY A 101 -7.97 11.70 -18.45
C GLY A 101 -8.25 12.32 -19.81
N VAL A 102 -9.52 12.39 -20.22
CA VAL A 102 -9.89 12.95 -21.51
C VAL A 102 -10.64 14.27 -21.36
N PHE A 103 -10.10 15.34 -21.93
CA PHE A 103 -10.68 16.66 -21.71
C PHE A 103 -11.29 17.28 -22.97
N LYS A 104 -12.49 17.82 -22.81
CA LYS A 104 -13.18 18.53 -23.89
C LYS A 104 -13.03 20.04 -23.68
N ASN A 105 -12.24 20.65 -24.55
CA ASN A 105 -11.84 22.04 -24.54
C ASN A 105 -11.44 22.47 -23.13
N ASN A 106 -10.36 21.87 -22.64
CA ASN A 106 -9.78 22.07 -21.32
C ASN A 106 -10.79 21.85 -20.20
N GLU A 107 -11.84 21.11 -20.50
CA GLU A 107 -12.95 20.85 -19.60
C GLU A 107 -13.19 19.35 -19.46
N PRO A 108 -13.14 18.87 -18.23
CA PRO A 108 -13.37 17.46 -17.90
C PRO A 108 -14.54 16.86 -18.67
N TYR A 109 -14.29 15.69 -19.24
CA TYR A 109 -15.26 14.91 -20.00
C TYR A 109 -15.25 13.47 -19.51
N TYR A 110 -14.11 12.78 -19.54
CA TYR A 110 -14.10 11.39 -19.07
C TYR A 110 -12.86 11.10 -18.22
N GLY A 111 -12.98 10.10 -17.35
CA GLY A 111 -11.91 9.68 -16.48
C GLY A 111 -11.77 8.19 -16.29
N LEU A 112 -10.59 7.64 -16.61
CA LEU A 112 -10.33 6.23 -16.33
C LEU A 112 -9.13 6.07 -15.40
N THR A 113 -9.35 5.24 -14.37
CA THR A 113 -8.22 4.94 -13.51
C THR A 113 -8.18 3.44 -13.21
N TYR A 114 -7.08 2.82 -13.66
CA TYR A 114 -7.01 1.37 -13.60
C TYR A 114 -5.99 0.87 -12.58
N GLU A 115 -6.49 0.13 -11.59
CA GLU A 115 -5.62 -0.54 -10.63
C GLU A 115 -5.22 -1.90 -11.20
N PHE A 116 -4.01 -2.00 -11.74
CA PHE A 116 -3.64 -3.25 -12.41
C PHE A 116 -3.73 -4.43 -11.45
N LEU A 117 -3.23 -4.26 -10.24
CA LEU A 117 -3.19 -5.42 -9.34
C LEU A 117 -4.57 -5.94 -8.95
N THR A 118 -5.60 -5.11 -9.03
CA THR A 118 -6.93 -5.47 -8.54
C THR A 118 -7.98 -5.63 -9.63
N LYS A 119 -7.61 -5.45 -10.89
CA LYS A 119 -8.59 -5.55 -11.97
C LYS A 119 -9.74 -4.58 -11.70
N SER A 120 -9.35 -3.37 -11.33
CA SER A 120 -10.36 -2.37 -10.97
C SER A 120 -10.28 -1.14 -11.86
N PHE A 121 -11.34 -1.03 -12.67
CA PHE A 121 -11.53 0.14 -13.51
C PHE A 121 -12.28 1.19 -12.69
N TYR A 122 -11.64 2.31 -12.45
CA TYR A 122 -12.27 3.49 -11.87
C TYR A 122 -12.57 4.47 -13.01
N GLU A 123 -13.82 4.48 -13.50
CA GLU A 123 -14.16 5.42 -14.57
C GLU A 123 -15.32 6.33 -14.18
N ALA A 124 -15.37 7.48 -14.84
CA ALA A 124 -16.43 8.45 -14.61
C ALA A 124 -16.63 9.39 -15.79
N TYR A 125 -17.86 9.47 -16.28
CA TYR A 125 -18.16 10.48 -17.30
C TYR A 125 -18.64 11.76 -16.61
N LYS A 126 -18.25 12.92 -17.14
CA LYS A 126 -18.76 14.16 -16.56
C LYS A 126 -20.30 14.13 -16.60
N GLY A 127 -20.90 14.29 -15.43
CA GLY A 127 -22.33 14.27 -15.26
C GLY A 127 -22.93 12.88 -15.29
N LYS A 128 -22.12 11.83 -15.26
CA LYS A 128 -22.65 10.47 -15.30
C LYS A 128 -22.57 9.79 -13.94
N GLY A 129 -21.54 10.11 -13.15
CA GLY A 129 -21.29 9.45 -11.88
C GLY A 129 -20.10 8.52 -11.89
N ALA A 130 -19.42 8.42 -10.75
CA ALA A 130 -18.23 7.59 -10.59
C ALA A 130 -18.57 6.11 -10.40
N TYR A 131 -17.95 5.27 -11.19
CA TYR A 131 -18.18 3.83 -11.19
C TYR A 131 -16.93 3.02 -10.88
N LEU A 132 -17.08 1.91 -10.16
CA LEU A 132 -15.99 0.97 -9.96
C LEU A 132 -16.36 -0.40 -10.53
N ASN A 133 -15.84 -0.72 -11.72
CA ASN A 133 -16.13 -2.03 -12.28
C ASN A 133 -17.63 -2.30 -12.43
N GLY A 134 -18.46 -1.26 -12.48
CA GLY A 134 -19.90 -1.49 -12.51
C GLY A 134 -20.61 -0.89 -11.30
N ARG A 135 -20.26 -1.32 -10.10
CA ARG A 135 -20.83 -0.76 -8.87
C ARG A 135 -20.72 0.76 -8.85
N LYS A 136 -21.69 1.44 -8.28
CA LYS A 136 -21.68 2.91 -8.24
C LYS A 136 -20.88 3.40 -7.05
N ILE A 137 -20.09 4.46 -7.21
CA ILE A 137 -19.31 4.86 -6.02
C ILE A 137 -19.54 6.32 -5.67
N LYS A 138 -19.40 6.58 -4.39
CA LYS A 138 -19.52 7.79 -3.62
C LYS A 138 -18.45 7.81 -2.54
N VAL A 139 -18.19 8.98 -1.97
CA VAL A 139 -17.18 9.01 -0.89
C VAL A 139 -17.78 8.38 0.35
N LYS A 140 -17.25 8.68 1.54
CA LYS A 140 -17.80 8.13 2.78
C LYS A 140 -18.32 9.22 3.70
N ASP A 141 -19.39 8.92 4.43
CA ASP A 141 -19.98 9.89 5.35
C ASP A 141 -18.98 10.16 6.49
N PHE A 142 -18.49 11.37 6.57
CA PHE A 142 -17.52 11.81 7.58
C PHE A 142 -17.83 11.25 8.97
N ASN A 143 -16.85 11.32 9.85
CA ASN A 143 -16.96 10.86 11.23
C ASN A 143 -15.63 11.14 11.94
N PRO A 144 -15.62 12.14 12.80
CA PRO A 144 -14.35 12.64 13.35
C PRO A 144 -13.63 11.55 14.13
N ASN A 145 -14.43 10.61 14.63
CA ASN A 145 -13.91 9.50 15.43
C ASN A 145 -13.58 8.31 14.55
N ASN A 146 -13.00 8.56 13.38
CA ASN A 146 -12.75 7.45 12.46
C ASN A 146 -12.12 7.90 11.16
N ILE A 147 -11.41 9.02 11.15
CA ILE A 147 -10.76 9.46 9.93
C ILE A 147 -9.64 8.51 9.50
N VAL A 148 -9.48 8.35 8.20
CA VAL A 148 -8.37 7.54 7.67
C VAL A 148 -7.69 8.30 6.54
N ILE A 149 -6.71 9.15 6.85
CA ILE A 149 -6.17 9.96 5.75
C ILE A 149 -4.73 9.60 5.40
N SER A 150 -4.38 9.86 4.15
CA SER A 150 -3.08 9.78 3.55
C SER A 150 -2.53 11.18 3.29
N TYR A 151 -1.22 11.37 3.16
CA TYR A 151 -0.75 12.75 3.00
C TYR A 151 0.75 12.88 2.79
N TYR A 152 1.10 13.99 2.19
CA TYR A 152 2.47 14.35 1.88
C TYR A 152 2.69 15.83 2.22
N PRO A 153 3.10 16.09 3.45
CA PRO A 153 3.29 17.46 3.94
C PRO A 153 4.71 17.96 3.82
N SER A 154 4.85 19.28 3.91
CA SER A 154 6.15 19.94 3.88
C SER A 154 6.54 20.40 5.28
N LYS A 155 7.14 21.58 5.33
CA LYS A 155 7.59 22.22 6.55
C LYS A 155 6.43 22.62 7.44
N LYS A 156 5.77 23.74 7.12
CA LYS A 156 4.68 24.26 7.93
C LYS A 156 3.45 23.36 7.91
N ILE A 157 3.62 22.13 8.39
CA ILE A 157 2.53 21.19 8.53
C ILE A 157 2.68 20.45 9.87
N ASP A 158 1.92 20.89 10.84
CA ASP A 158 1.96 20.35 12.19
C ASP A 158 1.61 18.87 12.23
N LEU A 159 2.64 18.03 12.23
CA LEU A 159 2.45 16.58 12.28
C LEU A 159 1.93 16.16 13.65
N GLU A 160 2.22 16.98 14.66
CA GLU A 160 1.69 16.73 16.00
C GLU A 160 0.15 16.66 15.94
N LYS A 161 -0.42 17.68 15.34
CA LYS A 161 -1.85 17.89 15.19
C LYS A 161 -2.52 16.79 14.37
N LEU A 162 -2.01 16.60 13.16
CA LEU A 162 -2.54 15.62 12.22
C LEU A 162 -2.75 14.27 12.90
N ARG A 163 -1.67 13.56 13.19
CA ARG A 163 -1.77 12.22 13.76
C ARG A 163 -2.61 12.20 15.02
N ASN A 164 -2.68 13.32 15.74
CA ASN A 164 -3.44 13.39 16.98
C ASN A 164 -4.93 13.53 16.72
N LYS A 165 -5.31 14.16 15.63
CA LYS A 165 -6.71 14.37 15.28
C LYS A 165 -7.29 13.20 14.49
N VAL A 166 -6.47 12.64 13.61
CA VAL A 166 -6.82 11.50 12.78
C VAL A 166 -6.82 10.19 13.53
N LYS A 167 -7.47 9.16 12.97
CA LYS A 167 -7.45 7.86 13.64
C LYS A 167 -6.68 6.80 12.87
N ARG A 168 -6.03 7.15 11.75
CA ARG A 168 -5.33 6.12 11.00
C ARG A 168 -4.64 6.70 9.77
N VAL A 169 -3.31 6.75 9.82
CA VAL A 169 -2.53 7.23 8.69
C VAL A 169 -2.32 6.10 7.69
N ARG A 170 -2.45 6.43 6.40
CA ARG A 170 -2.13 5.42 5.39
C ARG A 170 -1.57 6.12 4.15
N ILE A 171 -0.26 6.24 4.10
CA ILE A 171 0.49 6.81 2.99
C ILE A 171 0.84 5.72 1.99
N PHE A 172 0.64 5.96 0.70
CA PHE A 172 0.70 4.88 -0.28
C PHE A 172 1.58 5.14 -1.50
N GLY A 173 2.05 6.35 -1.71
CA GLY A 173 2.88 6.71 -2.84
C GLY A 173 2.27 6.57 -4.21
N ALA A 174 1.00 6.89 -4.39
CA ALA A 174 0.39 6.86 -5.72
C ALA A 174 -0.88 7.71 -5.76
N PHE A 175 -0.69 8.99 -5.44
CA PHE A 175 -1.70 10.03 -5.31
C PHE A 175 -2.89 9.85 -6.24
N GLY A 176 -2.63 9.71 -7.53
CA GLY A 176 -3.63 9.43 -8.53
C GLY A 176 -4.58 8.35 -8.04
N LEU A 177 -4.03 7.15 -7.87
CA LEU A 177 -4.81 6.04 -7.32
C LEU A 177 -5.38 6.38 -5.95
N GLU A 178 -4.69 7.22 -5.17
CA GLU A 178 -5.15 7.48 -3.80
C GLU A 178 -6.46 8.26 -3.84
N MET A 179 -6.52 9.18 -4.78
CA MET A 179 -7.74 9.88 -5.16
C MET A 179 -8.89 8.91 -5.35
N CYS A 180 -8.71 7.86 -6.17
CA CYS A 180 -9.80 6.89 -6.29
C CYS A 180 -10.10 6.20 -4.96
N TYR A 181 -9.20 6.26 -3.98
CA TYR A 181 -9.55 5.58 -2.72
C TYR A 181 -10.33 6.52 -1.81
N VAL A 182 -10.13 7.81 -2.02
CA VAL A 182 -10.80 8.89 -1.30
C VAL A 182 -12.10 9.26 -2.00
N ALA A 183 -12.48 8.42 -2.95
CA ALA A 183 -13.60 8.49 -3.84
C ALA A 183 -14.47 7.25 -3.79
N LYS A 184 -14.02 6.24 -3.06
CA LYS A 184 -14.80 5.00 -2.98
C LYS A 184 -15.08 4.68 -1.51
N GLY A 185 -14.63 5.58 -0.65
CA GLY A 185 -14.90 5.49 0.77
C GLY A 185 -13.84 4.74 1.56
N THR A 186 -12.62 4.69 1.04
CA THR A 186 -11.56 3.99 1.77
C THR A 186 -10.80 4.95 2.66
N LEU A 187 -10.44 6.11 2.12
CA LEU A 187 -9.81 7.12 2.97
C LEU A 187 -10.74 8.33 3.11
N ASP A 188 -10.59 9.08 4.20
CA ASP A 188 -11.38 10.30 4.35
C ASP A 188 -10.74 11.42 3.55
N ALA A 189 -9.52 11.19 3.08
CA ALA A 189 -8.79 12.25 2.41
C ALA A 189 -7.39 11.83 1.98
N VAL A 190 -6.74 12.71 1.26
CA VAL A 190 -5.38 12.63 0.77
C VAL A 190 -4.97 13.97 0.13
N PHE A 191 -4.03 14.66 0.77
CA PHE A 191 -3.59 15.96 0.29
C PHE A 191 -2.11 15.98 -0.05
N ASP A 192 -1.72 16.85 -0.99
CA ASP A 192 -0.29 16.95 -1.27
C ASP A 192 0.18 18.40 -1.36
N VAL A 193 0.65 18.94 -0.24
CA VAL A 193 1.14 20.33 -0.21
C VAL A 193 2.67 20.40 -0.26
N ARG A 194 3.28 19.30 -0.66
CA ARG A 194 4.68 19.24 -1.08
C ARG A 194 4.67 19.17 -2.62
N PRO A 195 4.53 20.34 -3.20
CA PRO A 195 4.22 20.52 -4.62
C PRO A 195 5.01 19.58 -5.52
N LYS A 196 4.52 18.35 -5.65
CA LYS A 196 5.16 17.43 -6.61
C LYS A 196 4.13 16.92 -7.61
N VAL A 197 2.91 16.72 -7.10
CA VAL A 197 1.81 16.25 -7.95
C VAL A 197 1.61 17.19 -9.13
N ARG A 198 1.25 16.62 -10.28
CA ARG A 198 1.02 17.40 -11.49
C ARG A 198 -0.30 17.00 -12.14
N ALA A 199 -0.68 17.74 -13.18
CA ALA A 199 -1.91 17.52 -13.92
C ALA A 199 -2.09 16.05 -14.26
N VAL A 200 -1.03 15.46 -14.80
CA VAL A 200 -1.04 14.07 -15.24
C VAL A 200 -1.22 13.10 -14.09
N ASP A 201 -0.89 13.45 -12.84
CA ASP A 201 -1.23 12.52 -11.75
C ASP A 201 -2.70 12.60 -11.38
N ILE A 202 -3.26 13.82 -11.30
CA ILE A 202 -4.62 13.96 -10.81
C ILE A 202 -5.69 13.79 -11.88
N ALA A 203 -5.65 14.59 -12.92
CA ALA A 203 -6.56 14.73 -14.04
C ALA A 203 -7.67 13.68 -14.10
N SER A 204 -7.38 12.51 -14.64
CA SER A 204 -8.37 11.44 -14.75
C SER A 204 -9.10 11.14 -13.45
N SER A 205 -8.52 11.45 -12.30
CA SER A 205 -9.23 11.10 -11.06
C SER A 205 -9.93 12.35 -10.54
N TYR A 206 -9.40 13.50 -10.96
CA TYR A 206 -10.04 14.78 -10.67
C TYR A 206 -11.49 14.72 -11.12
N ILE A 207 -11.72 14.08 -12.27
CA ILE A 207 -13.07 13.82 -12.72
C ILE A 207 -13.74 12.87 -11.72
N ILE A 208 -13.57 11.58 -11.89
CA ILE A 208 -14.05 10.47 -11.09
C ILE A 208 -14.34 10.86 -9.65
N CYS A 209 -13.37 11.56 -9.05
CA CYS A 209 -13.47 12.10 -7.72
C CYS A 209 -14.67 13.03 -7.56
N LYS A 210 -14.74 14.04 -8.43
CA LYS A 210 -15.82 15.02 -8.38
C LYS A 210 -17.20 14.35 -8.35
N GLU A 211 -17.53 13.65 -9.43
CA GLU A 211 -18.82 12.99 -9.56
C GLU A 211 -19.09 12.03 -8.42
N ALA A 212 -18.03 11.52 -7.81
CA ALA A 212 -18.17 10.64 -6.65
C ALA A 212 -18.51 11.48 -5.42
N GLY A 213 -18.39 12.79 -5.61
CA GLY A 213 -18.79 13.78 -4.63
C GLY A 213 -17.70 14.33 -3.76
N ALA A 214 -16.43 14.13 -4.13
CA ALA A 214 -15.40 14.68 -3.23
C ALA A 214 -15.31 16.19 -3.40
N LEU A 215 -14.57 16.87 -2.51
CA LEU A 215 -14.40 18.31 -2.71
C LEU A 215 -12.92 18.61 -2.93
N ILE A 216 -12.42 18.40 -4.16
CA ILE A 216 -11.07 18.84 -4.53
C ILE A 216 -10.93 20.36 -4.29
N THR A 217 -9.70 20.76 -3.96
CA THR A 217 -9.36 22.18 -3.66
C THR A 217 -7.84 22.38 -3.71
N ASP A 218 -7.45 23.66 -3.65
CA ASP A 218 -6.02 24.05 -3.66
C ASP A 218 -5.59 24.47 -2.24
N GLU A 219 -4.41 25.07 -2.16
CA GLU A 219 -3.78 25.49 -0.88
C GLU A 219 -4.79 26.05 0.13
N ASN A 220 -5.37 27.17 -0.24
CA ASN A 220 -6.31 27.92 0.61
C ASN A 220 -7.75 27.49 0.37
N GLY A 221 -7.91 26.23 0.03
CA GLY A 221 -9.22 25.60 -0.23
C GLY A 221 -9.83 26.17 -1.51
N ASP A 222 -9.58 27.22 -2.20
CA ASP A 222 -10.26 27.66 -3.42
C ASP A 222 -10.10 26.63 -4.55
N GLU A 223 -11.18 25.92 -4.83
CA GLU A 223 -11.41 24.87 -5.79
C GLU A 223 -10.20 24.56 -6.64
N LEU A 224 -9.94 23.27 -6.91
CA LEU A 224 -8.77 23.01 -7.74
C LEU A 224 -9.02 23.41 -9.19
N LYS A 225 -8.09 24.22 -9.69
CA LYS A 225 -8.11 24.59 -11.10
C LYS A 225 -6.67 24.51 -11.63
N PHE A 226 -6.46 23.61 -12.59
CA PHE A 226 -5.16 23.34 -13.15
C PHE A 226 -5.14 23.54 -14.66
N ASP A 227 -3.95 23.77 -15.21
CA ASP A 227 -3.76 23.76 -16.64
C ASP A 227 -3.72 22.31 -17.12
N LEU A 228 -3.27 22.10 -18.34
CA LEU A 228 -3.11 20.77 -18.90
C LEU A 228 -1.77 20.64 -19.62
N ASN A 229 -0.72 20.48 -18.82
CA ASN A 229 0.63 20.25 -19.32
C ASN A 229 1.33 19.23 -18.42
N ALA A 230 2.52 18.81 -18.84
CA ALA A 230 3.29 17.78 -18.15
C ALA A 230 4.24 18.35 -17.11
N THR A 231 4.23 19.66 -16.89
CA THR A 231 5.04 20.29 -15.87
C THR A 231 4.16 20.98 -14.85
N ASP A 232 4.62 22.09 -14.28
CA ASP A 232 3.79 22.87 -13.36
C ASP A 232 3.30 22.01 -12.21
N ARG A 233 4.12 21.94 -11.16
CA ARG A 233 3.72 21.16 -9.98
C ARG A 233 2.67 21.91 -9.21
N LEU A 234 1.87 21.25 -8.38
CA LEU A 234 0.77 22.01 -7.79
C LEU A 234 0.16 21.37 -6.57
N ASN A 235 -0.02 22.14 -5.50
CA ASN A 235 -0.67 21.64 -4.29
C ASN A 235 -2.06 21.11 -4.59
N ILE A 236 -2.78 20.56 -3.61
CA ILE A 236 -4.08 19.95 -3.87
C ILE A 236 -4.58 19.23 -2.62
N ILE A 237 -5.89 19.16 -2.42
CA ILE A 237 -6.48 18.53 -1.24
C ILE A 237 -7.81 17.88 -1.55
N VAL A 238 -7.77 16.64 -2.03
CA VAL A 238 -8.94 15.85 -2.31
C VAL A 238 -9.60 15.35 -1.02
N ALA A 239 -10.71 15.99 -0.65
CA ALA A 239 -11.35 15.79 0.64
C ALA A 239 -12.72 15.14 0.61
N ASN A 240 -12.98 14.43 1.69
CA ASN A 240 -14.20 13.70 1.98
C ASN A 240 -15.42 14.60 1.92
N SER A 241 -15.52 15.41 2.97
CA SER A 241 -16.54 16.39 3.28
C SER A 241 -15.90 17.72 3.64
N LYS A 242 -16.67 18.69 4.13
CA LYS A 242 -16.05 19.99 4.39
C LYS A 242 -15.24 19.97 5.68
N GLU A 243 -15.69 19.17 6.64
CA GLU A 243 -14.99 19.02 7.92
C GLU A 243 -13.52 18.68 7.67
N MET A 244 -13.33 17.60 6.92
CA MET A 244 -12.01 17.15 6.51
C MET A 244 -11.21 18.34 5.96
N LEU A 245 -11.70 18.90 4.86
CA LEU A 245 -11.13 20.09 4.23
C LEU A 245 -10.78 21.12 5.30
N ASP A 246 -11.76 21.32 6.18
CA ASP A 246 -11.55 22.20 7.32
C ASP A 246 -10.26 21.76 8.04
N ILE A 247 -10.35 20.62 8.72
CA ILE A 247 -9.24 20.03 9.45
C ILE A 247 -7.92 20.10 8.68
N ILE A 248 -7.88 19.58 7.46
CA ILE A 248 -6.68 19.68 6.64
C ILE A 248 -6.25 21.15 6.57
N LEU A 249 -7.26 22.01 6.48
CA LEU A 249 -7.01 23.45 6.40
C LEU A 249 -6.57 24.02 7.74
N ASP A 250 -7.20 23.56 8.82
CA ASP A 250 -6.82 23.98 10.16
C ASP A 250 -5.32 23.76 10.37
N LEU A 251 -4.91 22.50 10.33
CA LEU A 251 -3.53 22.09 10.51
C LEU A 251 -2.59 22.87 9.59
N LEU A 252 -3.05 23.12 8.36
CA LEU A 252 -2.24 23.79 7.36
C LEU A 252 -1.93 25.23 7.77
N MET B 1 4.81 -34.61 4.43
CA MET B 1 4.29 -33.25 4.30
C MET B 1 5.14 -32.26 5.08
N LYS B 2 5.94 -31.46 4.37
CA LYS B 2 6.83 -30.53 5.06
C LYS B 2 6.07 -29.35 5.68
N TRP B 3 6.78 -28.61 6.54
CA TRP B 3 6.16 -27.47 7.22
C TRP B 3 5.66 -26.45 6.21
N ASP B 4 6.43 -26.14 5.16
CA ASP B 4 5.93 -25.21 4.15
C ASP B 4 4.76 -25.81 3.38
N GLU B 5 4.85 -27.06 2.97
CA GLU B 5 3.74 -27.74 2.32
C GLU B 5 2.48 -27.59 3.18
N ILE B 6 2.69 -27.68 4.50
CA ILE B 6 1.59 -27.38 5.40
C ILE B 6 1.11 -25.96 5.18
N GLY B 7 1.92 -24.98 5.54
CA GLY B 7 1.63 -23.58 5.41
C GLY B 7 1.08 -23.19 4.06
N LYS B 8 1.81 -23.54 3.00
CA LYS B 8 1.37 -23.21 1.65
C LYS B 8 -0.05 -23.69 1.37
N ASN B 9 -0.35 -24.94 1.70
CA ASN B 9 -1.70 -25.47 1.54
C ASN B 9 -2.73 -24.55 2.20
N ILE B 10 -2.63 -24.43 3.52
CA ILE B 10 -3.45 -23.56 4.34
C ILE B 10 -3.66 -22.20 3.71
N ALA B 11 -2.56 -21.57 3.30
CA ALA B 11 -2.67 -20.22 2.76
C ALA B 11 -3.47 -20.21 1.46
N LYS B 12 -3.23 -21.18 0.58
CA LYS B 12 -3.97 -21.23 -0.68
C LYS B 12 -5.45 -21.48 -0.42
N GLU B 13 -5.74 -22.44 0.44
CA GLU B 13 -7.11 -22.72 0.85
C GLU B 13 -7.78 -21.46 1.40
N ILE B 14 -7.14 -20.82 2.38
CA ILE B 14 -7.64 -19.57 2.92
C ILE B 14 -7.89 -18.56 1.80
N GLU B 15 -6.99 -18.58 0.81
CA GLU B 15 -7.03 -17.65 -0.30
C GLU B 15 -8.39 -17.65 -0.98
N LYS B 16 -8.82 -18.85 -1.34
CA LYS B 16 -10.08 -19.02 -2.06
C LYS B 16 -11.29 -18.77 -1.17
N GLU B 17 -11.29 -19.24 0.08
CA GLU B 17 -12.47 -19.07 0.92
C GLU B 17 -12.78 -17.61 1.23
N ILE B 18 -11.80 -16.71 1.17
CA ILE B 18 -12.04 -15.39 1.72
C ILE B 18 -11.77 -14.25 0.77
N LEU B 19 -11.28 -14.54 -0.44
CA LEU B 19 -11.06 -13.40 -1.36
C LEU B 19 -12.36 -12.65 -1.63
N PRO B 20 -13.46 -13.30 -1.98
CA PRO B 20 -14.74 -12.59 -2.08
C PRO B 20 -15.23 -12.03 -0.75
N TYR B 21 -14.49 -11.09 -0.21
CA TYR B 21 -14.64 -10.47 1.09
C TYR B 21 -13.73 -9.23 1.08
N PHE B 22 -12.82 -9.31 0.11
CA PHE B 22 -11.91 -8.20 -0.13
C PHE B 22 -12.76 -6.98 -0.51
N GLY B 23 -12.76 -5.97 0.35
CA GLY B 23 -13.55 -4.78 0.11
C GLY B 23 -14.99 -4.90 0.59
N ARG B 24 -15.55 -6.10 0.49
CA ARG B 24 -16.93 -6.35 0.86
C ARG B 24 -17.22 -6.09 2.33
N LYS B 25 -17.19 -4.82 2.71
CA LYS B 25 -17.48 -4.25 3.99
C LYS B 25 -18.88 -4.56 4.50
N ASP B 26 -19.76 -4.93 3.58
CA ASP B 26 -21.16 -5.23 3.82
C ASP B 26 -21.42 -6.70 4.12
N LYS B 27 -20.38 -7.50 3.92
CA LYS B 27 -20.46 -8.94 3.97
C LYS B 27 -19.95 -9.54 5.27
N SER B 28 -19.40 -8.71 6.16
CA SER B 28 -18.71 -9.15 7.35
C SER B 28 -19.20 -8.55 8.66
N TYR B 29 -19.72 -9.41 9.54
CA TYR B 29 -20.06 -9.04 10.91
C TYR B 29 -18.92 -9.38 11.87
N VAL B 30 -18.96 -8.82 13.07
CA VAL B 30 -17.97 -9.17 14.08
C VAL B 30 -18.43 -10.40 14.85
N VAL B 31 -17.54 -11.35 15.09
CA VAL B 31 -17.94 -12.59 15.77
C VAL B 31 -17.44 -12.60 17.20
N GLY B 32 -16.63 -11.60 17.58
CA GLY B 32 -16.21 -11.52 18.97
C GLY B 32 -14.90 -10.81 19.20
N THR B 33 -14.64 -10.53 20.48
CA THR B 33 -13.39 -9.89 20.88
C THR B 33 -12.34 -10.93 21.28
N SER B 34 -11.13 -10.74 20.79
CA SER B 34 -9.97 -11.58 20.98
C SER B 34 -9.12 -11.10 22.14
N PRO B 35 -8.23 -11.94 22.65
CA PRO B 35 -7.33 -11.61 23.75
C PRO B 35 -6.73 -10.20 23.70
N SER B 36 -6.18 -9.80 22.56
CA SER B 36 -5.45 -8.55 22.47
C SER B 36 -6.33 -7.31 22.49
N GLY B 37 -7.65 -7.51 22.47
CA GLY B 37 -8.57 -6.39 22.40
C GLY B 37 -9.31 -6.34 21.08
N ASP B 38 -8.56 -6.41 19.98
CA ASP B 38 -9.07 -6.38 18.62
C ASP B 38 -10.33 -7.23 18.47
N GLU B 39 -11.19 -6.80 17.55
CA GLU B 39 -12.45 -7.47 17.26
C GLU B 39 -12.27 -8.49 16.15
N THR B 40 -12.80 -9.70 16.32
CA THR B 40 -12.71 -10.73 15.29
C THR B 40 -13.83 -10.57 14.27
N GLU B 41 -13.52 -10.12 13.05
CA GLU B 41 -14.54 -10.13 12.01
C GLU B 41 -14.70 -11.56 11.52
N ILE B 42 -15.85 -11.92 10.95
CA ILE B 42 -16.02 -13.30 10.50
C ILE B 42 -14.97 -13.67 9.47
N PHE B 43 -14.45 -12.68 8.74
CA PHE B 43 -13.44 -13.07 7.75
C PHE B 43 -12.20 -13.59 8.49
N ASP B 44 -11.85 -12.90 9.57
CA ASP B 44 -10.71 -13.28 10.38
C ASP B 44 -10.82 -14.74 10.83
N LYS B 45 -11.86 -15.01 11.62
CA LYS B 45 -12.07 -16.32 12.21
C LYS B 45 -11.98 -17.42 11.14
N ILE B 46 -12.82 -17.30 10.12
CA ILE B 46 -12.90 -18.25 9.02
C ILE B 46 -11.52 -18.65 8.51
N SER B 47 -10.63 -17.67 8.43
CA SER B 47 -9.28 -17.99 7.98
C SER B 47 -8.58 -18.81 9.04
N GLU B 48 -8.70 -18.39 10.30
CA GLU B 48 -7.98 -19.14 11.33
C GLU B 48 -8.52 -20.56 11.45
N ASP B 49 -9.78 -20.73 11.04
CA ASP B 49 -10.36 -22.07 11.22
C ASP B 49 -9.76 -23.05 10.22
N ILE B 50 -9.63 -22.63 8.97
CA ILE B 50 -8.98 -23.47 7.98
C ILE B 50 -7.60 -23.86 8.51
N ALA B 51 -6.90 -22.88 9.07
CA ALA B 51 -5.60 -23.21 9.67
C ALA B 51 -5.80 -24.28 10.74
N LEU B 52 -6.76 -24.05 11.64
CA LEU B 52 -7.00 -25.01 12.70
C LEU B 52 -7.37 -26.39 12.17
N LYS B 53 -7.98 -26.45 10.98
CA LYS B 53 -8.42 -27.74 10.45
C LYS B 53 -7.25 -28.60 9.98
N TYR B 54 -6.05 -28.02 9.94
CA TYR B 54 -4.93 -28.84 9.48
C TYR B 54 -4.02 -29.16 10.67
N LEU B 55 -3.65 -28.11 11.40
CA LEU B 55 -2.78 -28.28 12.56
C LEU B 55 -3.50 -28.98 13.70
N LYS B 56 -4.81 -29.19 13.55
CA LYS B 56 -5.59 -29.85 14.60
C LYS B 56 -5.16 -31.30 14.79
N SER B 57 -5.07 -32.04 13.70
CA SER B 57 -4.73 -33.46 13.72
C SER B 57 -3.33 -33.71 14.26
N LEU B 58 -2.39 -32.81 14.00
CA LEU B 58 -1.02 -32.97 14.46
C LEU B 58 -0.90 -32.63 15.95
N ASN B 59 0.10 -33.20 16.61
CA ASN B 59 0.27 -32.88 18.03
C ASN B 59 1.23 -31.71 18.17
N VAL B 60 0.67 -30.51 18.30
CA VAL B 60 1.48 -29.30 18.38
C VAL B 60 0.77 -28.18 19.12
N ASN B 61 1.57 -27.25 19.63
CA ASN B 61 0.97 -26.11 20.31
C ASN B 61 0.48 -25.11 19.26
N ILE B 62 -0.54 -24.32 19.61
CA ILE B 62 -0.95 -23.29 18.67
C ILE B 62 -1.01 -21.92 19.35
N VAL B 63 -0.57 -20.93 18.61
CA VAL B 63 -0.66 -19.52 18.92
C VAL B 63 -1.36 -18.82 17.76
N SER B 64 -2.48 -18.13 18.04
CA SER B 64 -3.22 -17.57 16.91
C SER B 64 -4.17 -16.45 17.35
N GLU B 65 -3.75 -15.26 16.97
CA GLU B 65 -4.33 -13.96 17.17
C GLU B 65 -5.76 -14.01 17.67
N GLU B 66 -6.62 -14.54 16.80
CA GLU B 66 -8.03 -14.61 17.22
C GLU B 66 -8.15 -15.50 18.46
N LEU B 67 -8.01 -16.80 18.28
CA LEU B 67 -8.33 -17.82 19.27
C LEU B 67 -7.45 -17.78 20.50
N GLY B 68 -6.23 -17.26 20.38
CA GLY B 68 -5.34 -17.28 21.53
C GLY B 68 -4.43 -18.49 21.51
N VAL B 69 -4.09 -19.04 22.68
CA VAL B 69 -3.13 -20.15 22.67
C VAL B 69 -3.83 -21.49 22.82
N ILE B 70 -3.05 -22.53 22.55
CA ILE B 70 -3.47 -23.91 22.68
C ILE B 70 -2.24 -24.80 22.91
N ASP B 71 -1.78 -24.79 24.15
CA ASP B 71 -0.62 -25.57 24.56
C ASP B 71 -0.91 -27.06 24.50
N ASN B 72 -0.04 -27.80 23.84
CA ASN B 72 -0.21 -29.23 23.66
C ASN B 72 1.02 -30.01 24.13
N SER B 73 1.94 -29.27 24.72
CA SER B 73 3.12 -29.77 25.40
C SER B 73 4.29 -30.07 24.46
N SER B 74 4.07 -29.92 23.16
CA SER B 74 5.08 -30.26 22.16
C SER B 74 6.25 -29.28 22.13
N GLU B 75 7.37 -29.77 21.60
CA GLU B 75 8.57 -28.95 21.43
C GLU B 75 8.51 -28.22 20.09
N TRP B 76 7.30 -28.14 19.58
CA TRP B 76 6.89 -27.61 18.30
C TRP B 76 5.66 -26.72 18.42
N THR B 77 5.77 -25.40 18.24
CA THR B 77 4.55 -24.60 18.27
C THR B 77 4.47 -23.70 17.04
N VAL B 78 3.25 -23.54 16.53
CA VAL B 78 3.04 -22.73 15.33
C VAL B 78 2.39 -21.41 15.63
N VAL B 79 2.83 -20.34 14.95
CA VAL B 79 2.17 -19.06 15.20
C VAL B 79 1.53 -18.52 13.94
N ILE B 80 0.19 -18.42 13.96
CA ILE B 80 -0.51 -17.93 12.76
C ILE B 80 -1.30 -16.66 13.02
N ASP B 81 -1.05 -15.63 12.22
CA ASP B 81 -1.92 -14.47 12.12
C ASP B 81 -2.80 -14.65 10.87
N PRO B 82 -3.99 -15.15 11.09
CA PRO B 82 -4.87 -15.68 10.05
C PRO B 82 -5.17 -14.66 8.95
N ILE B 83 -5.02 -13.39 9.29
CA ILE B 83 -5.05 -12.29 8.35
C ILE B 83 -4.30 -11.10 8.96
N ASP B 84 -3.18 -10.76 8.30
CA ASP B 84 -2.39 -9.68 8.87
C ASP B 84 -2.86 -8.38 8.23
N GLY B 85 -3.71 -7.69 8.96
CA GLY B 85 -4.30 -6.45 8.49
C GLY B 85 -5.75 -6.60 8.07
N SER B 86 -6.61 -6.97 9.03
CA SER B 86 -8.03 -7.12 8.80
C SER B 86 -8.64 -5.83 8.24
N PHE B 87 -8.21 -4.69 8.78
CA PHE B 87 -8.68 -3.40 8.33
C PHE B 87 -8.60 -3.27 6.80
N ASN B 88 -7.40 -3.04 6.30
CA ASN B 88 -7.07 -2.91 4.89
C ASN B 88 -7.88 -3.90 4.05
N PHE B 89 -7.98 -5.13 4.55
CA PHE B 89 -8.66 -6.20 3.85
C PHE B 89 -10.15 -5.92 3.67
N ILE B 90 -10.84 -5.49 4.71
CA ILE B 90 -12.27 -5.21 4.64
C ILE B 90 -12.55 -3.87 3.99
N ASN B 91 -11.61 -2.94 4.06
CA ASN B 91 -11.75 -1.64 3.43
C ASN B 91 -11.12 -1.61 2.04
N GLY B 92 -10.98 -2.76 1.39
CA GLY B 92 -10.44 -2.83 0.06
C GLY B 92 -9.06 -2.25 -0.14
N ILE B 93 -8.24 -2.15 0.91
CA ILE B 93 -6.85 -1.75 0.75
C ILE B 93 -5.98 -2.98 0.51
N PRO B 94 -5.31 -3.10 -0.63
CA PRO B 94 -4.63 -4.34 -1.00
C PRO B 94 -3.28 -4.53 -0.29
N PHE B 95 -3.36 -4.66 1.02
CA PHE B 95 -2.22 -4.93 1.89
C PHE B 95 -2.62 -5.82 3.07
N PHE B 96 -2.86 -7.08 2.75
CA PHE B 96 -3.09 -8.17 3.70
C PHE B 96 -2.10 -9.31 3.43
N ALA B 97 -2.04 -10.30 4.29
CA ALA B 97 -1.15 -11.45 4.13
C ALA B 97 -1.38 -12.49 5.22
N PHE B 98 -0.95 -13.70 4.92
CA PHE B 98 -1.07 -14.80 5.87
C PHE B 98 0.28 -15.13 6.51
N CYS B 99 0.30 -15.21 7.83
CA CYS B 99 1.48 -15.44 8.65
C CYS B 99 1.44 -16.78 9.40
N PHE B 100 2.37 -17.63 8.99
CA PHE B 100 2.63 -18.96 9.47
C PHE B 100 4.04 -19.04 10.06
N GLY B 101 4.17 -19.31 11.36
CA GLY B 101 5.50 -19.41 11.94
C GLY B 101 5.69 -20.69 12.74
N VAL B 102 6.82 -21.36 12.54
CA VAL B 102 7.07 -22.58 13.30
C VAL B 102 8.32 -22.45 14.18
N PHE B 103 8.15 -22.88 15.43
CA PHE B 103 9.16 -22.81 16.47
C PHE B 103 9.38 -24.14 17.18
N LYS B 104 10.61 -24.63 17.17
CA LYS B 104 10.99 -25.82 17.93
C LYS B 104 11.68 -25.35 19.21
N ASN B 105 11.07 -25.65 20.35
CA ASN B 105 11.59 -25.19 21.64
C ASN B 105 11.89 -23.69 21.58
N ASN B 106 10.85 -22.92 21.31
CA ASN B 106 10.90 -21.47 21.29
C ASN B 106 12.03 -20.97 20.41
N GLU B 107 12.35 -21.70 19.33
CA GLU B 107 13.41 -21.25 18.44
C GLU B 107 12.98 -21.25 16.99
N PRO B 108 13.43 -20.23 16.25
CA PRO B 108 13.08 -20.05 14.84
C PRO B 108 13.27 -21.33 14.03
N TYR B 109 12.21 -21.83 13.40
CA TYR B 109 12.47 -22.99 12.54
C TYR B 109 12.19 -22.65 11.08
N TYR B 110 10.98 -22.21 10.78
CA TYR B 110 10.55 -21.89 9.42
C TYR B 110 9.38 -20.90 9.38
N GLY B 111 9.60 -19.77 8.73
CA GLY B 111 8.58 -18.74 8.65
C GLY B 111 7.93 -18.59 7.30
N LEU B 112 6.61 -18.67 7.26
CA LEU B 112 5.86 -18.45 6.04
C LEU B 112 5.08 -17.14 6.09
N THR B 113 5.13 -16.38 5.01
CA THR B 113 4.39 -15.14 4.86
C THR B 113 3.82 -15.01 3.46
N TYR B 114 2.50 -15.14 3.35
CA TYR B 114 1.89 -15.15 2.02
C TYR B 114 1.05 -13.90 1.77
N GLU B 115 1.48 -13.09 0.81
CA GLU B 115 0.77 -11.87 0.39
C GLU B 115 -0.15 -12.24 -0.78
N PHE B 116 -1.43 -12.35 -0.45
CA PHE B 116 -2.46 -12.86 -1.32
C PHE B 116 -2.53 -12.18 -2.68
N LEU B 117 -2.50 -10.84 -2.77
CA LEU B 117 -2.82 -10.26 -4.07
C LEU B 117 -1.67 -10.30 -5.05
N THR B 118 -0.48 -10.56 -4.53
CA THR B 118 0.72 -10.75 -5.34
C THR B 118 1.02 -12.22 -5.60
N LYS B 119 0.44 -13.12 -4.81
CA LYS B 119 0.75 -14.54 -4.96
C LYS B 119 2.22 -14.76 -4.60
N SER B 120 2.65 -14.00 -3.59
CA SER B 120 4.04 -14.00 -3.18
C SER B 120 4.27 -14.75 -1.89
N PHE B 121 4.86 -15.94 -2.02
CA PHE B 121 5.27 -16.69 -0.84
C PHE B 121 6.60 -16.15 -0.34
N TYR B 122 6.58 -15.44 0.78
CA TYR B 122 7.81 -15.11 1.49
C TYR B 122 8.03 -16.23 2.51
N GLU B 123 9.11 -17.00 2.35
CA GLU B 123 9.39 -18.02 3.36
C GLU B 123 10.89 -18.13 3.63
N ALA B 124 11.21 -18.87 4.70
CA ALA B 124 12.61 -19.06 5.07
C ALA B 124 12.72 -20.03 6.24
N TYR B 125 13.68 -20.94 6.13
CA TYR B 125 14.05 -21.89 7.17
C TYR B 125 15.13 -21.30 8.06
N LYS B 126 15.12 -21.64 9.34
CA LYS B 126 16.19 -21.12 10.20
C LYS B 126 17.53 -21.56 9.64
N GLY B 127 18.34 -20.59 9.24
CA GLY B 127 19.63 -20.85 8.62
C GLY B 127 19.49 -21.66 7.34
N LYS B 128 19.21 -21.00 6.22
CA LYS B 128 18.99 -21.72 4.97
C LYS B 128 18.57 -20.77 3.86
N GLY B 129 18.50 -19.47 4.17
CA GLY B 129 18.16 -18.43 3.24
C GLY B 129 16.69 -18.06 3.20
N ALA B 130 16.41 -16.77 3.06
CA ALA B 130 15.06 -16.24 2.94
C ALA B 130 14.67 -16.10 1.47
N TYR B 131 13.56 -16.68 1.03
CA TYR B 131 13.27 -16.61 -0.41
C TYR B 131 11.95 -15.90 -0.73
N LEU B 132 11.73 -15.70 -2.01
CA LEU B 132 10.56 -15.15 -2.65
C LEU B 132 10.17 -15.93 -3.90
N ASN B 133 9.19 -16.81 -3.77
CA ASN B 133 8.75 -17.72 -4.82
C ASN B 133 9.95 -18.48 -5.40
N GLY B 134 10.88 -18.84 -4.53
CA GLY B 134 12.11 -19.51 -4.93
C GLY B 134 13.28 -18.53 -4.92
N ARG B 135 13.14 -17.44 -5.65
CA ARG B 135 14.15 -16.40 -5.74
C ARG B 135 14.68 -16.01 -4.35
N LYS B 136 16.00 -15.93 -4.25
CA LYS B 136 16.77 -15.62 -3.06
C LYS B 136 16.73 -14.14 -2.71
N ILE B 137 15.97 -13.76 -1.69
CA ILE B 137 15.90 -12.35 -1.30
C ILE B 137 16.76 -12.01 -0.10
N LYS B 138 17.27 -10.78 -0.08
CA LYS B 138 18.07 -10.32 1.06
C LYS B 138 17.86 -8.82 1.28
N VAL B 139 18.00 -8.35 2.51
CA VAL B 139 17.80 -6.92 2.78
C VAL B 139 18.67 -6.04 1.87
N LYS B 140 18.34 -4.76 1.87
CA LYS B 140 18.94 -3.78 0.98
C LYS B 140 20.20 -3.17 1.56
N ASP B 141 21.09 -2.71 0.68
CA ASP B 141 22.30 -2.04 1.16
C ASP B 141 22.02 -0.55 1.39
N PHE B 142 22.14 -0.14 2.64
CA PHE B 142 21.90 1.21 3.11
C PHE B 142 22.34 2.30 2.12
N ASN B 143 21.59 3.39 2.15
CA ASN B 143 21.82 4.60 1.39
C ASN B 143 21.36 5.81 2.20
N PRO B 144 22.31 6.63 2.65
CA PRO B 144 22.02 7.72 3.58
C PRO B 144 21.13 8.81 3.01
N ASN B 145 20.75 8.71 1.74
CA ASN B 145 19.77 9.63 1.17
C ASN B 145 18.46 8.91 0.88
N ASN B 146 18.54 7.88 0.05
CA ASN B 146 17.42 7.09 -0.43
C ASN B 146 16.71 6.27 0.63
N ILE B 147 16.78 6.64 1.91
CA ILE B 147 16.03 5.86 2.89
C ILE B 147 14.53 5.96 2.62
N VAL B 148 13.84 4.84 2.82
CA VAL B 148 12.43 4.66 2.51
C VAL B 148 11.71 3.91 3.61
N ILE B 149 11.50 4.47 4.81
CA ILE B 149 10.89 3.59 5.82
C ILE B 149 9.39 3.79 5.96
N SER B 150 8.82 2.92 6.78
CA SER B 150 7.39 2.97 7.13
C SER B 150 7.24 2.99 8.64
N TYR B 151 6.57 3.98 9.24
CA TYR B 151 6.58 3.99 10.71
C TYR B 151 5.20 4.08 11.35
N TYR B 152 5.20 3.74 12.64
CA TYR B 152 4.10 3.86 13.57
C TYR B 152 4.65 4.36 14.91
N PRO B 153 4.85 5.68 14.98
CA PRO B 153 5.51 6.31 16.11
C PRO B 153 4.58 6.64 17.29
N SER B 154 5.22 7.06 18.36
CA SER B 154 4.68 7.47 19.63
C SER B 154 4.66 9.00 19.75
N LYS B 155 3.80 9.49 20.63
CA LYS B 155 3.62 10.92 20.85
C LYS B 155 4.96 11.60 21.04
N LYS B 156 5.80 11.04 21.92
CA LYS B 156 7.11 11.64 22.18
C LYS B 156 7.99 11.61 20.93
N ILE B 157 7.64 10.78 19.96
CA ILE B 157 8.45 10.67 18.75
C ILE B 157 8.54 11.99 18.00
N ASP B 158 9.76 12.53 17.93
CA ASP B 158 9.96 13.69 17.07
C ASP B 158 9.68 13.29 15.63
N LEU B 159 8.60 13.83 15.04
CA LEU B 159 8.28 13.44 13.67
C LEU B 159 9.12 14.21 12.67
N GLU B 160 9.21 15.53 12.80
CA GLU B 160 9.97 16.32 11.83
C GLU B 160 11.41 15.83 11.75
N LYS B 161 11.98 15.44 12.88
CA LYS B 161 13.34 14.89 12.90
C LYS B 161 13.46 13.75 11.90
N LEU B 162 12.58 12.75 12.10
CA LEU B 162 12.56 11.58 11.24
C LEU B 162 12.39 11.98 9.77
N ARG B 163 11.21 12.51 9.47
CA ARG B 163 10.79 12.90 8.14
C ARG B 163 11.81 13.75 7.40
N ASN B 164 12.72 14.43 8.08
CA ASN B 164 13.76 15.20 7.42
C ASN B 164 14.88 14.30 6.90
N LYS B 165 15.13 13.21 7.61
CA LYS B 165 16.19 12.29 7.23
C LYS B 165 15.70 11.24 6.22
N VAL B 166 14.44 10.86 6.31
CA VAL B 166 13.82 9.88 5.43
C VAL B 166 13.58 10.39 4.02
N LYS B 167 13.95 9.61 3.01
CA LYS B 167 13.74 10.02 1.64
C LYS B 167 12.32 9.75 1.14
N ARG B 168 11.79 8.58 1.48
CA ARG B 168 10.44 8.20 1.08
C ARG B 168 9.68 7.62 2.27
N VAL B 169 8.47 8.12 2.50
CA VAL B 169 7.62 7.50 3.51
C VAL B 169 6.46 6.76 2.84
N ARG B 170 6.19 5.58 3.35
CA ARG B 170 5.12 4.64 3.10
C ARG B 170 4.55 4.19 4.43
N ILE B 171 3.38 3.59 4.49
CA ILE B 171 2.83 3.06 5.73
C ILE B 171 1.67 2.14 5.35
N PHE B 172 1.94 0.86 5.14
CA PHE B 172 0.86 0.10 4.46
C PHE B 172 -0.09 -0.52 5.46
N GLY B 173 0.11 -0.25 6.75
CA GLY B 173 -0.90 -0.68 7.71
C GLY B 173 -1.08 -2.19 7.83
N ALA B 174 0.00 -2.94 7.74
CA ALA B 174 0.15 -4.36 8.01
C ALA B 174 1.64 -4.65 8.25
N PHE B 175 2.01 -4.73 9.52
CA PHE B 175 3.40 -4.72 9.96
C PHE B 175 4.13 -6.00 9.60
N GLY B 176 3.45 -7.15 9.65
CA GLY B 176 4.10 -8.38 9.22
C GLY B 176 4.61 -8.22 7.79
N LEU B 177 3.68 -8.21 6.84
CA LEU B 177 4.01 -8.03 5.42
C LEU B 177 4.97 -6.87 5.19
N GLU B 178 4.85 -5.83 6.01
CA GLU B 178 5.81 -4.74 5.84
C GLU B 178 7.21 -5.21 6.18
N MET B 179 7.30 -6.11 7.17
CA MET B 179 8.61 -6.68 7.49
C MET B 179 9.21 -7.30 6.23
N CYS B 180 8.45 -8.19 5.58
CA CYS B 180 8.94 -8.82 4.36
C CYS B 180 9.34 -7.81 3.29
N TYR B 181 8.72 -6.62 3.29
CA TYR B 181 9.09 -5.63 2.28
C TYR B 181 10.45 -5.04 2.63
N VAL B 182 10.86 -5.30 3.86
CA VAL B 182 12.23 -5.07 4.29
C VAL B 182 13.08 -6.29 3.90
N ALA B 183 12.49 -7.45 4.11
CA ALA B 183 13.08 -8.72 3.73
C ALA B 183 13.65 -8.70 2.32
N LYS B 184 13.07 -7.93 1.39
CA LYS B 184 13.56 -8.03 0.02
C LYS B 184 14.22 -6.74 -0.44
N GLY B 185 14.42 -5.79 0.49
CA GLY B 185 15.12 -4.58 0.08
C GLY B 185 14.21 -3.49 -0.42
N THR B 186 12.89 -3.73 -0.45
CA THR B 186 12.02 -2.61 -0.81
C THR B 186 12.22 -1.50 0.22
N LEU B 187 11.63 -1.71 1.40
CA LEU B 187 11.68 -0.82 2.53
C LEU B 187 13.03 -0.83 3.23
N ASP B 188 13.51 0.35 3.63
CA ASP B 188 14.76 0.45 4.36
C ASP B 188 14.60 -0.06 5.79
N ALA B 189 13.45 0.19 6.39
CA ALA B 189 13.11 -0.27 7.73
C ALA B 189 11.65 0.01 8.04
N VAL B 190 11.21 -0.47 9.20
CA VAL B 190 9.86 -0.31 9.70
C VAL B 190 9.73 -0.62 11.19
N PHE B 191 9.41 0.41 11.96
CA PHE B 191 9.25 0.23 13.41
C PHE B 191 7.81 0.48 13.86
N ASP B 192 7.64 0.46 15.18
CA ASP B 192 6.35 0.60 15.85
C ASP B 192 6.56 0.83 17.34
N VAL B 193 6.97 2.05 17.68
CA VAL B 193 7.27 2.43 19.05
C VAL B 193 6.01 2.68 19.88
N ARG B 194 4.85 2.33 19.34
CA ARG B 194 3.57 2.49 20.00
C ARG B 194 2.92 1.13 20.28
N PRO B 195 3.46 0.42 21.24
CA PRO B 195 3.27 -1.00 21.54
C PRO B 195 1.92 -1.57 21.13
N LYS B 196 1.83 -2.09 19.91
CA LYS B 196 0.61 -2.63 19.34
C LYS B 196 0.82 -4.04 18.77
N VAL B 197 1.89 -4.20 18.01
CA VAL B 197 2.22 -5.47 17.39
C VAL B 197 2.39 -6.59 18.41
N ARG B 198 1.55 -7.62 18.31
CA ARG B 198 1.64 -8.75 19.22
C ARG B 198 2.59 -9.80 18.65
N ALA B 199 2.83 -10.87 19.40
CA ALA B 199 3.76 -11.90 18.94
C ALA B 199 3.38 -12.39 17.56
N VAL B 200 2.17 -12.91 17.47
CA VAL B 200 1.50 -13.50 16.34
C VAL B 200 1.58 -12.67 15.06
N ASP B 201 1.88 -11.38 15.15
CA ASP B 201 1.97 -10.54 13.97
C ASP B 201 3.32 -10.63 13.29
N ILE B 202 4.36 -10.77 14.09
CA ILE B 202 5.74 -10.72 13.61
C ILE B 202 6.44 -12.07 13.59
N ALA B 203 5.82 -13.11 14.12
CA ALA B 203 6.44 -14.43 14.17
C ALA B 203 7.03 -14.87 12.83
N SER B 204 6.20 -15.29 11.88
CA SER B 204 6.71 -15.81 10.61
C SER B 204 7.68 -14.86 9.92
N SER B 205 7.47 -13.55 10.05
CA SER B 205 8.35 -12.62 9.34
C SER B 205 9.58 -12.32 10.18
N TYR B 206 9.56 -12.78 11.42
CA TYR B 206 10.75 -12.60 12.26
C TYR B 206 11.92 -13.37 11.64
N ILE B 207 11.62 -14.64 11.44
CA ILE B 207 12.42 -15.73 10.95
C ILE B 207 12.98 -15.50 9.56
N ILE B 208 12.24 -14.74 8.77
CA ILE B 208 12.58 -14.46 7.38
C ILE B 208 13.50 -13.26 7.28
N CYS B 209 13.32 -12.30 8.20
CA CYS B 209 14.17 -11.11 8.17
C CYS B 209 15.58 -11.47 8.63
N LYS B 210 15.56 -12.31 9.67
CA LYS B 210 16.75 -12.94 10.22
C LYS B 210 17.54 -13.56 9.07
N GLU B 211 16.95 -14.54 8.39
CA GLU B 211 17.51 -15.23 7.26
C GLU B 211 17.65 -14.38 6.00
N ALA B 212 17.70 -13.06 6.13
CA ALA B 212 17.76 -12.15 5.00
C ALA B 212 18.69 -10.99 5.31
N GLY B 213 19.07 -10.89 6.58
CA GLY B 213 20.03 -9.90 7.00
C GLY B 213 19.45 -8.78 7.83
N ALA B 214 18.15 -8.79 8.05
CA ALA B 214 17.65 -7.66 8.85
C ALA B 214 18.19 -7.70 10.27
N LEU B 215 18.39 -6.53 10.85
CA LEU B 215 18.42 -6.46 12.31
C LEU B 215 16.97 -6.48 12.80
N ILE B 216 16.70 -6.89 14.02
CA ILE B 216 15.34 -6.89 14.56
C ILE B 216 15.39 -6.55 16.04
N THR B 217 15.73 -5.30 16.30
CA THR B 217 15.95 -4.76 17.63
C THR B 217 14.66 -4.38 18.35
N ASP B 218 14.77 -4.10 19.65
CA ASP B 218 13.66 -3.62 20.46
C ASP B 218 13.81 -2.12 20.69
N GLU B 219 13.03 -1.53 21.58
CA GLU B 219 13.04 -0.09 21.77
C GLU B 219 14.43 0.46 22.02
N ASN B 220 15.11 -0.01 23.06
CA ASN B 220 16.41 0.51 23.45
C ASN B 220 17.53 -0.06 22.58
N GLY B 221 17.26 -0.22 21.29
CA GLY B 221 18.28 -0.72 20.38
C GLY B 221 18.87 -2.04 20.82
N ASP B 222 18.12 -2.83 21.61
CA ASP B 222 18.70 -4.12 22.02
C ASP B 222 18.03 -5.27 21.30
N GLU B 223 18.78 -6.35 21.09
CA GLU B 223 18.33 -7.55 20.40
C GLU B 223 16.92 -7.96 20.84
N LEU B 224 15.95 -7.71 19.96
CA LEU B 224 14.56 -7.99 20.34
C LEU B 224 14.39 -9.47 20.73
N LYS B 225 13.70 -9.65 21.84
CA LYS B 225 13.34 -10.94 22.39
C LYS B 225 11.84 -10.96 22.68
N PHE B 226 11.16 -12.07 22.41
CA PHE B 226 9.74 -12.09 22.71
C PHE B 226 9.26 -13.47 23.15
N ASP B 227 7.99 -13.47 23.57
CA ASP B 227 7.33 -14.68 23.99
C ASP B 227 6.24 -15.08 23.01
N LEU B 228 5.98 -16.38 22.93
CA LEU B 228 4.98 -16.92 22.02
C LEU B 228 3.59 -16.81 22.63
N ASN B 229 2.90 -15.73 22.26
CA ASN B 229 1.57 -15.46 22.79
C ASN B 229 0.79 -14.50 21.89
N ALA B 230 -0.51 -14.68 21.88
CA ALA B 230 -1.47 -13.90 21.13
C ALA B 230 -1.95 -12.69 21.96
N THR B 231 -1.16 -12.39 22.96
CA THR B 231 -1.41 -11.31 23.92
C THR B 231 -0.17 -10.42 23.96
N ASP B 232 0.02 -9.61 24.98
CA ASP B 232 1.20 -8.79 25.14
C ASP B 232 1.60 -8.04 23.89
N ARG B 233 1.48 -6.72 23.92
CA ARG B 233 1.95 -5.91 22.80
C ARG B 233 3.36 -5.39 23.10
N LEU B 234 4.20 -5.26 22.08
CA LEU B 234 5.59 -4.89 22.30
C LEU B 234 6.16 -3.94 21.25
N ASN B 235 7.33 -3.39 21.56
CA ASN B 235 8.02 -2.49 20.64
C ASN B 235 9.00 -3.23 19.76
N ILE B 236 8.80 -3.16 18.44
CA ILE B 236 9.73 -3.83 17.52
C ILE B 236 10.36 -2.75 16.64
N ILE B 237 11.53 -3.02 16.10
CA ILE B 237 12.29 -2.20 15.19
C ILE B 237 13.00 -3.05 14.16
N VAL B 238 12.32 -3.60 13.15
CA VAL B 238 13.08 -4.31 12.11
C VAL B 238 13.84 -3.30 11.26
N ALA B 239 15.09 -3.56 10.92
CA ALA B 239 15.84 -2.57 10.13
C ALA B 239 16.81 -3.21 9.14
N ASN B 240 17.42 -2.33 8.36
CA ASN B 240 18.28 -2.58 7.23
C ASN B 240 19.72 -2.83 7.64
N SER B 241 20.09 -2.16 8.72
CA SER B 241 21.47 -2.14 9.18
C SER B 241 21.65 -1.44 10.51
N LYS B 242 22.92 -1.39 10.95
CA LYS B 242 23.21 -0.59 12.14
C LYS B 242 22.81 0.85 11.82
N GLU B 243 23.62 1.50 11.02
CA GLU B 243 23.50 2.86 10.53
C GLU B 243 22.04 3.29 10.42
N MET B 244 21.26 2.52 9.67
CA MET B 244 19.82 2.77 9.62
C MET B 244 19.24 2.77 11.04
N LEU B 245 19.30 1.61 11.67
CA LEU B 245 18.84 1.38 13.04
C LEU B 245 19.28 2.54 13.95
N ASP B 246 20.56 2.86 13.82
CA ASP B 246 21.19 3.99 14.47
C ASP B 246 20.27 5.21 14.34
N ILE B 247 20.06 5.57 13.08
CA ILE B 247 19.18 6.66 12.71
C ILE B 247 17.87 6.60 13.49
N ILE B 248 17.19 5.46 13.42
CA ILE B 248 15.89 5.26 14.04
C ILE B 248 15.92 5.53 15.54
N LEU B 249 16.72 4.70 16.19
CA LEU B 249 16.91 4.67 17.63
C LEU B 249 17.01 6.07 18.23
N ASP B 250 17.81 6.94 17.63
CA ASP B 250 17.97 8.28 18.20
C ASP B 250 16.68 9.09 18.13
N LEU B 251 16.07 9.16 16.95
CA LEU B 251 14.87 9.96 16.76
C LEU B 251 13.81 9.60 17.79
N LEU B 252 13.78 8.32 18.17
CA LEU B 252 12.85 7.93 19.24
C LEU B 252 13.28 8.59 20.54
#